data_7JJL
#
_entry.id   7JJL
#
_cell.length_a   47.920
_cell.length_b   89.120
_cell.length_c   143.530
_cell.angle_alpha   90.000
_cell.angle_beta   90.000
_cell.angle_gamma   90.000
#
_symmetry.space_group_name_H-M   'P 21 21 21'
#
loop_
_entity.id
_entity.type
_entity.pdbx_description
1 polymer 'Importin subunit alpha-3'
2 polymer 'Lysine-specific histone demethylase 1A'
3 water water
#
loop_
_entity_poly.entity_id
_entity_poly.type
_entity_poly.pdbx_seq_one_letter_code
_entity_poly.pdbx_strand_id
1 'polypeptide(L)'
;ENLYFQSGDYRVQNTSLEAIVQNASSDNQGIQLSAVQAARKLLSSDRNPPIDDLIKSGILPILVHCLERDDNPSLQFEAA
WALTNIASGTSEQTQAVVQSNAVPLFLRLLHSPHQNVCEQAVWALGNIIGDGPQCRDYVISLGVVKPLLSFISPSIPITF
LRNVTWVMVNLCRHKDPPPPMETIQEILPALCVLIHHTDVNILVDTVWALSYLTDAGNEQIQMVIDSGIVPHLVPLLSHQ
EVKVQTAALRAVGNIVTGTDEQTQVVLNCDALSHFPALLTHPKEKINKEAVWFLSNITAGNQQQVQAVIDANLVPMIIHL
LDKGDFGTQKEAAWAISNLTISGRKDQVAYLIQQNVIPPFCNLLTVKDAQVVQVVLDGLSNILKMAEDEAETIGNLIEEC
GGLEKIEQLQNHENEDIYKLAYEIIDQFFSSDDIDEDPSLVPEAIQGGTFGFNSSANVPTEGFQF
;
A
2 'polypeptide(L)' TPEGRRTSRRKRAKVEYREMDESLAN B
#
# COMPACT_ATOMS: atom_id res chain seq x y z
N SER A 16 -19.02 -29.48 -29.35
CA SER A 16 -19.82 -29.03 -28.12
C SER A 16 -19.77 -27.51 -27.88
N LEU A 17 -18.59 -26.89 -27.95
CA LEU A 17 -18.33 -25.42 -27.97
C LEU A 17 -18.91 -24.82 -29.24
N GLU A 18 -18.92 -25.58 -30.31
CA GLU A 18 -19.36 -25.07 -31.62
C GLU A 18 -20.88 -24.90 -31.49
N ALA A 19 -21.51 -25.85 -30.80
CA ALA A 19 -22.97 -25.92 -30.54
C ALA A 19 -23.40 -24.77 -29.64
N ILE A 20 -22.68 -24.55 -28.53
CA ILE A 20 -22.87 -23.44 -27.54
C ILE A 20 -22.98 -22.10 -28.31
N VAL A 21 -21.99 -21.80 -29.14
CA VAL A 21 -21.92 -20.49 -29.85
C VAL A 21 -23.09 -20.31 -30.83
N GLN A 22 -23.34 -21.27 -31.70
CA GLN A 22 -24.57 -21.29 -32.57
C GLN A 22 -25.78 -20.99 -31.69
N ASN A 23 -25.92 -21.75 -30.60
CA ASN A 23 -27.15 -21.77 -29.76
C ASN A 23 -27.31 -20.45 -29.03
N ALA A 24 -26.19 -19.79 -28.73
CA ALA A 24 -26.16 -18.55 -27.93
C ALA A 24 -26.88 -17.45 -28.71
N SER A 25 -26.83 -17.49 -30.05
CA SER A 25 -27.59 -16.59 -30.97
C SER A 25 -29.00 -17.10 -31.30
N SER A 26 -29.54 -18.11 -30.62
CA SER A 26 -30.81 -18.77 -31.02
C SER A 26 -31.95 -17.77 -30.82
N ASP A 27 -33.03 -17.91 -31.60
CA ASP A 27 -34.26 -17.07 -31.46
C ASP A 27 -35.16 -17.68 -30.39
N ASN A 28 -34.85 -18.90 -29.96
CA ASN A 28 -35.54 -19.60 -28.87
C ASN A 28 -34.85 -19.24 -27.54
N GLN A 29 -35.61 -18.70 -26.60
CA GLN A 29 -35.08 -17.98 -25.41
C GLN A 29 -34.37 -18.96 -24.48
N GLY A 30 -35.01 -20.12 -24.27
CA GLY A 30 -34.52 -21.21 -23.43
C GLY A 30 -33.22 -21.73 -24.00
N ILE A 31 -33.15 -21.88 -25.32
CA ILE A 31 -31.98 -22.51 -25.98
C ILE A 31 -30.83 -21.54 -25.74
N GLN A 32 -31.11 -20.25 -25.93
CA GLN A 32 -30.11 -19.13 -25.88
C GLN A 32 -29.60 -18.95 -24.44
N LEU A 33 -30.49 -19.03 -23.46
CA LEU A 33 -30.13 -18.82 -22.04
C LEU A 33 -29.26 -20.00 -21.62
N SER A 34 -29.63 -21.21 -22.01
CA SER A 34 -28.90 -22.45 -21.63
C SER A 34 -27.50 -22.38 -22.22
N ALA A 35 -27.36 -21.79 -23.40
CA ALA A 35 -26.06 -21.74 -24.10
C ALA A 35 -25.14 -20.75 -23.41
N VAL A 36 -25.67 -19.57 -23.09
CA VAL A 36 -24.85 -18.51 -22.46
C VAL A 36 -24.46 -18.99 -21.07
N GLN A 37 -25.36 -19.68 -20.35
CA GLN A 37 -25.07 -20.22 -19.00
C GLN A 37 -24.00 -21.30 -19.09
N ALA A 38 -24.00 -22.06 -20.19
CA ALA A 38 -23.02 -23.16 -20.40
C ALA A 38 -21.67 -22.53 -20.71
N ALA A 39 -21.61 -21.51 -21.58
CA ALA A 39 -20.38 -20.72 -21.81
C ALA A 39 -19.88 -20.21 -20.46
N ARG A 40 -20.77 -19.64 -19.66
CA ARG A 40 -20.41 -19.10 -18.35
C ARG A 40 -19.83 -20.20 -17.46
N LYS A 41 -20.43 -21.39 -17.42
CA LYS A 41 -20.01 -22.49 -16.48
C LYS A 41 -18.65 -23.05 -16.88
N LEU A 42 -18.30 -23.08 -18.16
CA LEU A 42 -16.91 -23.37 -18.61
C LEU A 42 -15.92 -22.39 -17.95
N LEU A 43 -16.31 -21.14 -17.75
CA LEU A 43 -15.39 -20.03 -17.33
C LEU A 43 -15.34 -19.95 -15.81
N SER A 44 -16.28 -20.59 -15.09
CA SER A 44 -16.63 -20.26 -13.69
C SER A 44 -16.52 -21.45 -12.73
N SER A 45 -16.17 -22.65 -13.19
CA SER A 45 -16.47 -23.91 -12.44
C SER A 45 -15.19 -24.69 -12.07
N ASP A 46 -14.02 -24.23 -12.52
CA ASP A 46 -12.69 -24.68 -12.05
C ASP A 46 -11.90 -23.40 -11.74
N ARG A 47 -10.58 -23.51 -11.55
CA ARG A 47 -9.66 -22.34 -11.52
C ARG A 47 -8.71 -22.44 -12.73
N ASN A 48 -9.00 -23.33 -13.71
CA ASN A 48 -8.25 -23.44 -14.99
C ASN A 48 -9.22 -23.36 -16.16
N PRO A 49 -9.83 -22.17 -16.44
CA PRO A 49 -10.90 -22.04 -17.41
C PRO A 49 -10.34 -21.85 -18.81
N PRO A 50 -11.02 -22.38 -19.85
CA PRO A 50 -10.53 -22.31 -21.23
C PRO A 50 -10.82 -20.97 -21.93
N ILE A 51 -10.18 -19.91 -21.48
CA ILE A 51 -10.50 -18.54 -21.96
C ILE A 51 -10.17 -18.45 -23.45
N ASP A 52 -8.96 -18.82 -23.85
CA ASP A 52 -8.51 -18.71 -25.26
C ASP A 52 -9.50 -19.36 -26.23
N ASP A 53 -9.98 -20.56 -25.91
CA ASP A 53 -10.86 -21.36 -26.81
C ASP A 53 -12.21 -20.65 -26.99
N LEU A 54 -12.77 -20.13 -25.88
CA LEU A 54 -14.03 -19.34 -25.84
C LEU A 54 -13.90 -18.11 -26.75
N ILE A 55 -12.87 -17.28 -26.52
CA ILE A 55 -12.52 -16.11 -27.38
C ILE A 55 -12.41 -16.53 -28.85
N LYS A 56 -11.62 -17.57 -29.13
CA LYS A 56 -11.38 -18.06 -30.51
C LYS A 56 -12.68 -18.52 -31.14
N SER A 57 -13.66 -19.01 -30.36
CA SER A 57 -14.88 -19.69 -30.88
C SER A 57 -15.94 -18.71 -31.41
N GLY A 58 -15.73 -17.39 -31.29
CA GLY A 58 -16.67 -16.33 -31.71
C GLY A 58 -17.72 -15.98 -30.66
N ILE A 59 -17.50 -16.24 -29.35
CA ILE A 59 -18.53 -16.03 -28.27
C ILE A 59 -18.62 -14.54 -27.91
N LEU A 60 -17.53 -13.78 -27.94
CA LEU A 60 -17.47 -12.43 -27.32
C LEU A 60 -18.58 -11.55 -27.89
N PRO A 61 -18.73 -11.41 -29.22
CA PRO A 61 -19.77 -10.54 -29.76
C PRO A 61 -21.16 -10.92 -29.24
N ILE A 62 -21.45 -12.20 -29.14
CA ILE A 62 -22.81 -12.64 -28.70
C ILE A 62 -22.97 -12.26 -27.22
N LEU A 63 -21.98 -12.52 -26.36
CA LEU A 63 -22.03 -12.18 -24.92
C LEU A 63 -22.24 -10.67 -24.78
N VAL A 64 -21.41 -9.86 -25.45
CA VAL A 64 -21.60 -8.36 -25.49
C VAL A 64 -23.03 -8.00 -25.92
N HIS A 65 -23.53 -8.58 -27.01
CA HIS A 65 -24.89 -8.27 -27.53
C HIS A 65 -25.92 -8.62 -26.45
N CYS A 66 -25.72 -9.71 -25.70
CA CYS A 66 -26.62 -10.08 -24.57
C CYS A 66 -26.64 -8.99 -23.48
N LEU A 67 -25.59 -8.19 -23.35
CA LEU A 67 -25.58 -7.08 -22.37
C LEU A 67 -26.69 -6.05 -22.66
N GLU A 68 -27.25 -6.01 -23.89
CA GLU A 68 -28.25 -4.97 -24.33
C GLU A 68 -29.67 -5.44 -23.99
N ARG A 69 -29.81 -6.67 -23.55
CA ARG A 69 -31.12 -7.38 -23.47
C ARG A 69 -31.79 -7.07 -22.14
N ASP A 70 -32.09 -5.78 -21.92
CA ASP A 70 -32.78 -5.28 -20.69
C ASP A 70 -34.05 -6.12 -20.44
N ASP A 71 -34.64 -6.64 -21.51
CA ASP A 71 -35.85 -7.51 -21.46
C ASP A 71 -35.56 -8.82 -20.74
N ASN A 72 -34.32 -9.32 -20.72
CA ASN A 72 -33.98 -10.65 -20.13
C ASN A 72 -32.82 -10.52 -19.15
N PRO A 73 -33.05 -10.10 -17.89
CA PRO A 73 -31.95 -9.73 -17.00
C PRO A 73 -31.13 -10.96 -16.57
N SER A 74 -31.72 -12.15 -16.58
CA SER A 74 -31.04 -13.46 -16.33
C SER A 74 -29.93 -13.65 -17.36
N LEU A 75 -30.12 -13.11 -18.55
CA LEU A 75 -29.21 -13.28 -19.70
C LEU A 75 -28.14 -12.19 -19.64
N GLN A 76 -28.52 -10.96 -19.32
CA GLN A 76 -27.52 -9.90 -19.03
C GLN A 76 -26.58 -10.38 -17.92
N PHE A 77 -27.13 -10.99 -16.87
CA PHE A 77 -26.31 -11.45 -15.73
C PHE A 77 -25.28 -12.49 -16.16
N GLU A 78 -25.74 -13.59 -16.76
CA GLU A 78 -24.94 -14.73 -17.25
C GLU A 78 -23.93 -14.26 -18.29
N ALA A 79 -24.29 -13.36 -19.19
CA ALA A 79 -23.30 -12.85 -20.16
C ALA A 79 -22.23 -12.06 -19.42
N ALA A 80 -22.64 -11.26 -18.45
CA ALA A 80 -21.75 -10.32 -17.72
C ALA A 80 -20.76 -11.13 -16.89
N TRP A 81 -21.22 -12.27 -16.37
CA TRP A 81 -20.40 -13.17 -15.53
C TRP A 81 -19.34 -13.86 -16.42
N ALA A 82 -19.72 -14.45 -17.53
CA ALA A 82 -18.84 -14.94 -18.62
C ALA A 82 -17.79 -13.89 -18.98
N LEU A 83 -18.18 -12.64 -19.20
CA LEU A 83 -17.22 -11.61 -19.68
C LEU A 83 -16.31 -11.20 -18.51
N THR A 84 -16.86 -11.21 -17.28
CA THR A 84 -16.09 -10.91 -16.04
C THR A 84 -14.92 -11.86 -15.99
N ASN A 85 -15.17 -13.14 -16.27
CA ASN A 85 -14.17 -14.22 -16.06
C ASN A 85 -13.18 -14.26 -17.23
N ILE A 86 -13.62 -13.98 -18.46
CA ILE A 86 -12.69 -13.81 -19.61
C ILE A 86 -11.75 -12.64 -19.29
N ALA A 87 -12.27 -11.53 -18.76
CA ALA A 87 -11.50 -10.29 -18.56
C ALA A 87 -10.65 -10.39 -17.31
N SER A 88 -10.75 -11.51 -16.58
CA SER A 88 -9.95 -11.79 -15.35
C SER A 88 -8.63 -12.49 -15.70
N GLY A 89 -8.40 -12.78 -16.98
CA GLY A 89 -7.22 -13.56 -17.41
C GLY A 89 -6.05 -12.64 -17.74
N THR A 90 -5.26 -13.05 -18.74
CA THR A 90 -4.11 -12.31 -19.27
C THR A 90 -4.61 -11.00 -19.90
N SER A 91 -3.74 -10.00 -19.89
CA SER A 91 -3.96 -8.68 -20.51
C SER A 91 -4.52 -8.89 -21.92
N GLU A 92 -3.99 -9.88 -22.63
CA GLU A 92 -4.42 -10.22 -24.02
C GLU A 92 -5.90 -10.58 -23.99
N GLN A 93 -6.32 -11.36 -22.99
CA GLN A 93 -7.73 -11.83 -22.83
C GLN A 93 -8.60 -10.65 -22.39
N THR A 94 -8.09 -9.82 -21.49
CA THR A 94 -8.79 -8.57 -21.03
C THR A 94 -8.98 -7.62 -22.20
N GLN A 95 -7.94 -7.44 -23.01
CA GLN A 95 -7.96 -6.59 -24.24
C GLN A 95 -9.08 -7.11 -25.14
N ALA A 96 -9.15 -8.43 -25.37
CA ALA A 96 -10.21 -9.06 -26.18
C ALA A 96 -11.60 -8.56 -25.76
N VAL A 97 -11.91 -8.48 -24.45
CA VAL A 97 -13.25 -8.04 -23.96
C VAL A 97 -13.48 -6.59 -24.34
N VAL A 98 -12.46 -5.78 -24.08
CA VAL A 98 -12.48 -4.29 -24.19
C VAL A 98 -12.56 -3.92 -25.66
N GLN A 99 -11.75 -4.60 -26.50
CA GLN A 99 -11.80 -4.53 -28.00
C GLN A 99 -13.24 -4.71 -28.53
N SER A 100 -14.08 -5.52 -27.88
CA SER A 100 -15.47 -5.91 -28.30
C SER A 100 -16.51 -4.86 -27.97
N ASN A 101 -16.13 -3.65 -27.53
CA ASN A 101 -17.02 -2.55 -27.10
C ASN A 101 -17.87 -2.95 -25.88
N ALA A 102 -17.35 -3.79 -25.00
CA ALA A 102 -18.01 -4.20 -23.73
C ALA A 102 -18.06 -3.05 -22.69
N VAL A 103 -17.10 -2.13 -22.63
CA VAL A 103 -17.03 -1.17 -21.49
C VAL A 103 -18.27 -0.26 -21.48
N PRO A 104 -18.60 0.47 -22.56
CA PRO A 104 -19.86 1.23 -22.59
C PRO A 104 -21.13 0.53 -22.11
N LEU A 105 -21.20 -0.79 -22.27
CA LEU A 105 -22.41 -1.61 -22.01
C LEU A 105 -22.43 -2.02 -20.55
N PHE A 106 -21.24 -2.26 -20.00
CA PHE A 106 -21.08 -2.47 -18.55
C PHE A 106 -21.53 -1.18 -17.87
N LEU A 107 -21.01 -0.03 -18.34
CA LEU A 107 -21.36 1.30 -17.76
C LEU A 107 -22.86 1.52 -17.79
N ARG A 108 -23.50 1.29 -18.94
CA ARG A 108 -24.99 1.24 -19.02
C ARG A 108 -25.50 0.38 -17.86
N LEU A 109 -25.20 -0.92 -17.80
CA LEU A 109 -25.73 -1.84 -16.77
C LEU A 109 -25.46 -1.38 -15.33
N LEU A 110 -24.65 -0.35 -15.07
CA LEU A 110 -24.56 0.20 -13.68
C LEU A 110 -25.89 0.85 -13.28
N HIS A 111 -26.77 1.22 -14.22
CA HIS A 111 -28.09 1.85 -13.96
C HIS A 111 -29.22 0.82 -14.06
N SER A 112 -28.93 -0.48 -13.96
CA SER A 112 -29.94 -1.56 -14.09
C SER A 112 -30.69 -1.71 -12.77
N PRO A 113 -32.02 -1.90 -12.82
CA PRO A 113 -32.80 -2.20 -11.61
C PRO A 113 -32.53 -3.53 -10.91
N HIS A 114 -31.82 -4.46 -11.56
CA HIS A 114 -31.55 -5.78 -10.94
C HIS A 114 -30.17 -5.70 -10.28
N GLN A 115 -30.12 -5.90 -8.97
CA GLN A 115 -28.89 -5.69 -8.17
C GLN A 115 -27.82 -6.65 -8.67
N ASN A 116 -28.18 -7.91 -8.88
CA ASN A 116 -27.20 -8.96 -9.29
C ASN A 116 -26.58 -8.52 -10.63
N VAL A 117 -27.30 -7.80 -11.51
CA VAL A 117 -26.75 -7.30 -12.81
C VAL A 117 -25.81 -6.11 -12.57
N CYS A 118 -26.16 -5.20 -11.67
CA CYS A 118 -25.30 -4.05 -11.29
C CYS A 118 -23.97 -4.59 -10.79
N GLU A 119 -24.03 -5.44 -9.78
CA GLU A 119 -22.84 -5.99 -9.10
C GLU A 119 -21.94 -6.63 -10.17
N GLN A 120 -22.49 -7.50 -11.03
CA GLN A 120 -21.67 -8.27 -11.99
C GLN A 120 -21.02 -7.33 -13.02
N ALA A 121 -21.68 -6.23 -13.39
CA ALA A 121 -21.12 -5.13 -14.20
C ALA A 121 -19.97 -4.45 -13.45
N VAL A 122 -20.17 -4.18 -12.16
CA VAL A 122 -19.12 -3.56 -11.31
C VAL A 122 -17.88 -4.47 -11.28
N TRP A 123 -18.10 -5.77 -11.18
CA TRP A 123 -17.01 -6.76 -11.08
C TRP A 123 -16.21 -6.77 -12.39
N ALA A 124 -16.93 -6.85 -13.50
CA ALA A 124 -16.32 -6.92 -14.84
C ALA A 124 -15.48 -5.65 -15.09
N LEU A 125 -15.98 -4.46 -14.74
CA LEU A 125 -15.19 -3.21 -14.93
C LEU A 125 -13.97 -3.21 -13.99
N GLY A 126 -14.06 -3.82 -12.81
CA GLY A 126 -12.90 -4.01 -11.91
C GLY A 126 -11.76 -4.78 -12.56
N ASN A 127 -12.09 -5.86 -13.26
CA ASN A 127 -11.07 -6.69 -13.96
C ASN A 127 -10.49 -5.85 -15.09
N ILE A 128 -11.30 -5.01 -15.74
CA ILE A 128 -10.83 -4.16 -16.87
C ILE A 128 -9.90 -3.09 -16.30
N ILE A 129 -10.35 -2.31 -15.32
CA ILE A 129 -9.54 -1.26 -14.61
C ILE A 129 -8.22 -1.86 -14.09
N GLY A 130 -8.27 -3.13 -13.65
CA GLY A 130 -7.13 -3.83 -13.04
C GLY A 130 -6.08 -4.16 -14.07
N ASP A 131 -6.37 -4.12 -15.37
CA ASP A 131 -5.42 -4.55 -16.43
C ASP A 131 -4.23 -3.59 -16.45
N GLY A 132 -4.48 -2.28 -16.37
CA GLY A 132 -3.40 -1.28 -16.28
C GLY A 132 -3.92 0.13 -16.45
N PRO A 133 -3.04 1.14 -16.53
CA PRO A 133 -3.47 2.53 -16.53
C PRO A 133 -4.23 3.02 -17.77
N GLN A 134 -3.94 2.53 -18.97
CA GLN A 134 -4.72 2.95 -20.18
C GLN A 134 -6.17 2.46 -19.98
N CYS A 135 -6.40 1.15 -19.78
CA CYS A 135 -7.77 0.64 -19.55
C CYS A 135 -8.44 1.40 -18.39
N ARG A 136 -7.71 1.67 -17.31
CA ARG A 136 -8.22 2.44 -16.16
C ARG A 136 -8.67 3.82 -16.66
N ASP A 137 -7.76 4.55 -17.29
CA ASP A 137 -8.04 5.97 -17.71
C ASP A 137 -9.17 5.98 -18.75
N TYR A 138 -9.39 4.89 -19.50
CA TYR A 138 -10.51 4.80 -20.49
C TYR A 138 -11.84 4.65 -19.76
N VAL A 139 -11.87 3.77 -18.76
CA VAL A 139 -13.11 3.51 -17.99
C VAL A 139 -13.42 4.78 -17.23
N ILE A 140 -12.40 5.45 -16.68
CA ILE A 140 -12.62 6.74 -15.98
C ILE A 140 -13.20 7.71 -17.00
N SER A 141 -12.55 7.88 -18.16
CA SER A 141 -12.92 8.93 -19.17
C SER A 141 -14.39 8.76 -19.60
N LEU A 142 -14.95 7.58 -19.48
CA LEU A 142 -16.36 7.30 -19.84
C LEU A 142 -17.29 7.51 -18.64
N GLY A 143 -16.79 7.84 -17.45
CA GLY A 143 -17.63 8.22 -16.29
C GLY A 143 -18.02 7.08 -15.36
N VAL A 144 -17.12 6.13 -15.09
CA VAL A 144 -17.39 5.01 -14.13
C VAL A 144 -17.49 5.50 -12.67
N VAL A 145 -16.74 6.51 -12.26
CA VAL A 145 -16.57 6.83 -10.82
C VAL A 145 -17.87 7.34 -10.16
N LYS A 146 -18.61 8.36 -10.66
CA LYS A 146 -19.92 8.78 -10.04
C LYS A 146 -20.80 7.55 -9.82
N PRO A 147 -21.20 6.82 -10.89
CA PRO A 147 -22.14 5.73 -10.72
C PRO A 147 -21.64 4.66 -9.74
N LEU A 148 -20.34 4.37 -9.74
CA LEU A 148 -19.71 3.31 -8.87
C LEU A 148 -19.81 3.75 -7.40
N LEU A 149 -19.48 5.00 -7.06
CA LEU A 149 -19.53 5.53 -5.67
C LEU A 149 -20.97 5.62 -5.19
N SER A 150 -21.91 5.95 -6.08
CA SER A 150 -23.33 6.11 -5.69
C SER A 150 -23.92 4.78 -5.17
N PHE A 151 -23.31 3.62 -5.40
CA PHE A 151 -23.79 2.35 -4.78
C PHE A 151 -23.47 2.34 -3.29
N ILE A 152 -22.49 3.11 -2.83
CA ILE A 152 -22.10 3.12 -1.39
C ILE A 152 -23.30 3.71 -0.62
N SER A 153 -23.91 2.86 0.21
CA SER A 153 -25.05 3.19 1.10
C SER A 153 -25.21 2.05 2.11
N PRO A 154 -25.80 2.30 3.30
CA PRO A 154 -26.00 1.21 4.27
C PRO A 154 -26.88 0.06 3.75
N SER A 155 -27.87 0.35 2.88
CA SER A 155 -28.90 -0.60 2.36
C SER A 155 -28.28 -1.75 1.54
N ILE A 156 -27.25 -1.46 0.74
CA ILE A 156 -26.49 -2.42 -0.11
C ILE A 156 -25.99 -3.61 0.74
N PRO A 157 -26.04 -4.86 0.24
CA PRO A 157 -25.39 -5.99 0.89
C PRO A 157 -23.85 -5.89 0.94
N ILE A 158 -23.29 -6.46 2.01
CA ILE A 158 -21.85 -6.41 2.31
C ILE A 158 -21.03 -6.99 1.13
N THR A 159 -21.34 -8.20 0.62
CA THR A 159 -20.62 -8.84 -0.52
C THR A 159 -20.51 -7.88 -1.73
N PHE A 160 -21.57 -7.10 -2.01
CA PHE A 160 -21.60 -6.13 -3.14
C PHE A 160 -20.65 -4.98 -2.80
N LEU A 161 -20.75 -4.39 -1.61
CA LEU A 161 -19.90 -3.24 -1.19
C LEU A 161 -18.42 -3.64 -1.21
N ARG A 162 -18.06 -4.87 -0.84
CA ARG A 162 -16.68 -5.42 -0.94
C ARG A 162 -16.21 -5.40 -2.40
N ASN A 163 -17.08 -5.77 -3.36
CA ASN A 163 -16.74 -5.70 -4.81
C ASN A 163 -16.58 -4.23 -5.20
N VAL A 164 -17.31 -3.31 -4.62
CA VAL A 164 -17.14 -1.85 -4.93
C VAL A 164 -15.83 -1.34 -4.37
N THR A 165 -15.41 -1.83 -3.20
CA THR A 165 -14.21 -1.24 -2.57
C THR A 165 -13.01 -1.81 -3.30
N TRP A 166 -13.11 -3.07 -3.74
CA TRP A 166 -12.04 -3.72 -4.54
C TRP A 166 -11.82 -2.94 -5.85
N VAL A 167 -12.88 -2.51 -6.51
CA VAL A 167 -12.74 -1.68 -7.74
C VAL A 167 -12.07 -0.35 -7.37
N MET A 168 -12.41 0.23 -6.21
CA MET A 168 -11.82 1.51 -5.73
C MET A 168 -10.31 1.37 -5.54
N VAL A 169 -9.86 0.23 -5.03
CA VAL A 169 -8.40 -0.08 -4.89
C VAL A 169 -7.79 -0.13 -6.30
N ASN A 170 -8.45 -0.80 -7.23
CA ASN A 170 -7.98 -0.96 -8.64
C ASN A 170 -7.86 0.40 -9.34
N LEU A 171 -8.72 1.38 -9.05
CA LEU A 171 -8.57 2.75 -9.60
C LEU A 171 -7.32 3.46 -9.05
N CYS A 172 -6.82 3.08 -7.87
CA CYS A 172 -5.72 3.77 -7.12
C CYS A 172 -4.37 3.09 -7.35
N ARG A 173 -4.41 1.86 -7.85
CA ARG A 173 -3.30 0.86 -7.84
C ARG A 173 -2.04 1.29 -8.62
N HIS A 174 -2.14 1.97 -9.76
CA HIS A 174 -0.94 2.24 -10.61
C HIS A 174 -0.44 3.68 -10.36
N LYS A 175 0.89 3.85 -10.26
CA LYS A 175 1.61 5.14 -10.00
C LYS A 175 1.91 5.86 -11.33
N ASP A 176 2.11 5.14 -12.43
CA ASP A 176 2.75 5.68 -13.67
C ASP A 176 1.85 5.45 -14.88
N PRO A 177 0.92 6.36 -15.22
CA PRO A 177 0.59 7.53 -14.38
C PRO A 177 -0.41 7.21 -13.27
N PRO A 178 -0.60 8.07 -12.23
CA PRO A 178 -1.63 7.83 -11.22
C PRO A 178 -2.95 8.31 -11.83
N PRO A 179 -4.11 7.94 -11.28
CA PRO A 179 -5.37 8.39 -11.87
C PRO A 179 -5.40 9.91 -11.92
N PRO A 180 -6.17 10.55 -12.82
CA PRO A 180 -6.27 12.00 -12.85
C PRO A 180 -6.63 12.65 -11.50
N MET A 181 -6.03 13.80 -11.18
CA MET A 181 -6.26 14.56 -9.92
C MET A 181 -7.75 14.61 -9.59
N GLU A 182 -8.61 14.74 -10.60
CA GLU A 182 -10.05 14.95 -10.38
C GLU A 182 -10.65 13.63 -9.91
N THR A 183 -10.15 12.50 -10.40
CA THR A 183 -10.68 11.19 -9.96
C THR A 183 -10.37 10.96 -8.49
N ILE A 184 -9.14 11.25 -8.10
CA ILE A 184 -8.69 11.16 -6.69
C ILE A 184 -9.65 11.96 -5.84
N GLN A 185 -10.04 13.16 -6.32
CA GLN A 185 -10.85 14.16 -5.57
C GLN A 185 -12.26 13.60 -5.39
N GLU A 186 -12.74 12.76 -6.30
CA GLU A 186 -14.07 12.07 -6.17
C GLU A 186 -13.96 10.86 -5.23
N ILE A 187 -12.84 10.12 -5.27
CA ILE A 187 -12.68 8.83 -4.55
C ILE A 187 -12.47 9.13 -3.05
N LEU A 188 -11.70 10.16 -2.68
CA LEU A 188 -11.26 10.45 -1.29
C LEU A 188 -12.46 10.61 -0.37
N PRO A 189 -13.45 11.46 -0.71
CA PRO A 189 -14.69 11.54 0.05
C PRO A 189 -15.43 10.22 0.31
N ALA A 190 -15.29 9.26 -0.60
CA ALA A 190 -15.90 7.92 -0.43
C ALA A 190 -15.05 7.16 0.57
N LEU A 191 -13.72 7.24 0.50
CA LEU A 191 -12.80 6.58 1.46
C LEU A 191 -13.07 7.14 2.88
N CYS A 192 -13.42 8.42 3.04
CA CYS A 192 -13.71 9.08 4.35
C CYS A 192 -14.91 8.43 5.02
N VAL A 193 -15.92 8.04 4.22
CA VAL A 193 -17.10 7.24 4.64
C VAL A 193 -16.64 5.79 4.90
N LEU A 194 -15.99 5.17 3.94
CA LEU A 194 -15.68 3.72 4.02
C LEU A 194 -14.72 3.47 5.18
N ILE A 195 -13.78 4.37 5.50
CA ILE A 195 -12.81 4.14 6.63
C ILE A 195 -13.52 3.99 7.99
N HIS A 196 -14.82 4.34 8.11
CA HIS A 196 -15.65 4.17 9.35
C HIS A 196 -16.34 2.82 9.41
N HIS A 197 -16.13 1.93 8.44
CA HIS A 197 -16.81 0.62 8.43
C HIS A 197 -16.12 -0.28 9.43
N THR A 198 -16.76 -1.39 9.77
CA THR A 198 -16.28 -2.41 10.74
C THR A 198 -15.84 -3.68 9.99
N ASP A 199 -16.41 -3.97 8.81
CA ASP A 199 -16.03 -5.18 8.05
C ASP A 199 -14.56 -5.03 7.65
N VAL A 200 -13.77 -6.07 7.93
CA VAL A 200 -12.30 -6.09 7.80
C VAL A 200 -11.89 -5.94 6.33
N ASN A 201 -12.46 -6.73 5.42
CA ASN A 201 -12.01 -6.75 3.99
C ASN A 201 -12.21 -5.35 3.42
N ILE A 202 -13.26 -4.66 3.83
CA ILE A 202 -13.55 -3.26 3.39
C ILE A 202 -12.57 -2.27 4.00
N LEU A 203 -12.27 -2.41 5.30
CA LEU A 203 -11.29 -1.55 6.00
C LEU A 203 -9.93 -1.76 5.33
N VAL A 204 -9.56 -3.01 5.07
CA VAL A 204 -8.27 -3.32 4.40
C VAL A 204 -8.23 -2.72 3.00
N ASP A 205 -9.33 -2.78 2.25
CA ASP A 205 -9.35 -2.33 0.84
C ASP A 205 -9.18 -0.80 0.94
N THR A 206 -9.89 -0.16 1.85
CA THR A 206 -9.91 1.31 1.98
C THR A 206 -8.49 1.85 2.30
N VAL A 207 -7.77 1.16 3.19
CA VAL A 207 -6.45 1.57 3.66
C VAL A 207 -5.42 1.24 2.57
N TRP A 208 -5.58 0.16 1.79
CA TRP A 208 -4.68 -0.09 0.63
C TRP A 208 -4.89 1.00 -0.44
N ALA A 209 -6.09 1.47 -0.65
CA ALA A 209 -6.34 2.57 -1.60
C ALA A 209 -5.51 3.77 -1.13
N LEU A 210 -5.53 4.08 0.17
CA LEU A 210 -4.83 5.25 0.73
C LEU A 210 -3.31 4.99 0.61
N SER A 211 -2.83 3.79 0.93
CA SER A 211 -1.40 3.45 0.72
C SER A 211 -0.98 3.87 -0.68
N TYR A 212 -1.71 3.40 -1.69
CA TYR A 212 -1.43 3.63 -3.13
C TYR A 212 -1.47 5.13 -3.44
N LEU A 213 -2.49 5.85 -2.98
CA LEU A 213 -2.66 7.31 -3.24
C LEU A 213 -1.55 8.13 -2.56
N THR A 214 -0.98 7.66 -1.45
CA THR A 214 0.07 8.39 -0.70
C THR A 214 1.45 7.89 -1.12
N ASP A 215 1.53 6.89 -1.98
CA ASP A 215 2.83 6.36 -2.49
C ASP A 215 3.22 7.08 -3.80
N ALA A 216 2.61 8.20 -4.16
CA ALA A 216 2.80 8.80 -5.50
C ALA A 216 3.23 10.27 -5.39
N GLY A 217 3.96 10.66 -4.33
CA GLY A 217 4.64 11.98 -4.27
C GLY A 217 3.77 13.08 -3.67
N ASN A 218 4.38 14.21 -3.30
CA ASN A 218 3.88 15.19 -2.29
C ASN A 218 2.56 15.87 -2.68
N GLU A 219 2.19 15.94 -3.95
CA GLU A 219 0.91 16.57 -4.39
C GLU A 219 -0.28 15.68 -3.98
N GLN A 220 -0.23 14.38 -4.33
CA GLN A 220 -1.20 13.34 -3.93
C GLN A 220 -1.34 13.31 -2.38
N ILE A 221 -0.23 13.43 -1.66
CA ILE A 221 -0.17 13.32 -0.18
C ILE A 221 -0.99 14.47 0.37
N GLN A 222 -0.78 15.66 -0.19
CA GLN A 222 -1.53 16.86 0.23
C GLN A 222 -3.03 16.66 -0.03
N MET A 223 -3.41 15.98 -1.10
CA MET A 223 -4.86 15.75 -1.39
C MET A 223 -5.45 14.84 -0.29
N VAL A 224 -4.69 13.82 0.10
CA VAL A 224 -5.09 12.87 1.17
C VAL A 224 -5.22 13.66 2.46
N ILE A 225 -4.27 14.53 2.78
CA ILE A 225 -4.42 15.40 4.00
C ILE A 225 -5.67 16.30 3.86
N ASP A 226 -5.79 17.01 2.74
CA ASP A 226 -6.85 18.02 2.52
C ASP A 226 -8.22 17.35 2.63
N SER A 227 -8.31 16.03 2.40
CA SER A 227 -9.58 15.27 2.35
C SER A 227 -10.21 15.18 3.76
N GLY A 228 -9.43 15.41 4.82
CA GLY A 228 -9.91 15.26 6.21
C GLY A 228 -9.73 13.86 6.79
N ILE A 229 -9.08 12.94 6.06
CA ILE A 229 -9.10 11.49 6.38
C ILE A 229 -8.03 11.12 7.42
N VAL A 230 -6.99 11.90 7.64
CA VAL A 230 -5.84 11.44 8.47
C VAL A 230 -6.25 11.17 9.92
N PRO A 231 -7.07 12.02 10.58
CA PRO A 231 -7.54 11.71 11.93
C PRO A 231 -8.26 10.36 12.03
N HIS A 232 -8.84 9.90 10.92
CA HIS A 232 -9.57 8.60 10.88
C HIS A 232 -8.62 7.48 10.49
N LEU A 233 -7.47 7.76 9.89
CA LEU A 233 -6.56 6.69 9.43
C LEU A 233 -5.66 6.25 10.60
N VAL A 234 -5.15 7.22 11.36
CA VAL A 234 -4.12 6.99 12.43
C VAL A 234 -4.63 6.06 13.54
N PRO A 235 -5.85 6.21 14.07
CA PRO A 235 -6.36 5.21 15.02
C PRO A 235 -6.25 3.76 14.54
N LEU A 236 -6.36 3.49 13.24
CA LEU A 236 -6.30 2.10 12.74
C LEU A 236 -4.91 1.51 12.93
N LEU A 237 -3.90 2.28 13.38
CA LEU A 237 -2.58 1.70 13.73
C LEU A 237 -2.77 0.72 14.90
N SER A 238 -3.85 0.87 15.65
CA SER A 238 -4.15 0.05 16.88
C SER A 238 -5.37 -0.86 16.62
N HIS A 239 -5.64 -1.19 15.36
CA HIS A 239 -6.76 -2.11 15.06
C HIS A 239 -6.38 -3.53 15.52
N GLN A 240 -7.38 -4.37 15.77
CA GLN A 240 -7.21 -5.81 16.17
C GLN A 240 -6.56 -6.62 15.06
N GLU A 241 -6.99 -6.46 13.81
CA GLU A 241 -6.48 -7.21 12.64
C GLU A 241 -5.16 -6.61 12.10
N VAL A 242 -4.05 -7.30 12.28
CA VAL A 242 -2.70 -7.07 11.70
C VAL A 242 -2.84 -6.58 10.24
N LYS A 243 -3.76 -7.15 9.46
CA LYS A 243 -3.87 -6.84 8.00
C LYS A 243 -4.21 -5.35 7.85
N VAL A 244 -5.11 -4.82 8.68
CA VAL A 244 -5.39 -3.35 8.70
C VAL A 244 -4.17 -2.61 9.26
N GLN A 245 -3.59 -3.08 10.35
CA GLN A 245 -2.40 -2.37 10.92
C GLN A 245 -1.35 -2.24 9.83
N THR A 246 -1.06 -3.28 9.08
CA THR A 246 0.04 -3.26 8.08
C THR A 246 -0.25 -2.19 7.02
N ALA A 247 -1.50 -2.06 6.64
CA ALA A 247 -1.91 -1.12 5.60
C ALA A 247 -1.84 0.30 6.19
N ALA A 248 -2.39 0.49 7.39
CA ALA A 248 -2.45 1.85 7.97
C ALA A 248 -1.02 2.36 8.11
N LEU A 249 -0.11 1.50 8.59
CA LEU A 249 1.29 1.89 8.93
C LEU A 249 2.00 2.27 7.64
N ARG A 250 1.73 1.54 6.58
CA ARG A 250 2.25 1.88 5.23
C ARG A 250 1.77 3.28 4.86
N ALA A 251 0.47 3.52 4.97
CA ALA A 251 -0.16 4.74 4.41
C ALA A 251 0.40 5.93 5.17
N VAL A 252 0.51 5.79 6.48
CA VAL A 252 0.95 6.91 7.35
C VAL A 252 2.46 7.09 7.16
N GLY A 253 3.19 5.98 6.99
CA GLY A 253 4.62 6.01 6.66
C GLY A 253 4.87 6.73 5.34
N ASN A 254 3.95 6.64 4.39
CA ASN A 254 4.13 7.27 3.06
C ASN A 254 4.00 8.77 3.27
N ILE A 255 2.98 9.19 4.03
CA ILE A 255 2.73 10.64 4.33
C ILE A 255 3.97 11.29 5.01
N VAL A 256 4.63 10.64 5.97
CA VAL A 256 5.76 11.27 6.74
C VAL A 256 7.07 11.26 5.92
N THR A 257 7.05 10.82 4.66
CA THR A 257 8.18 11.00 3.71
C THR A 257 8.02 12.35 3.02
N GLY A 258 6.99 13.12 3.34
CA GLY A 258 6.77 14.46 2.78
C GLY A 258 7.37 15.53 3.68
N THR A 259 6.82 16.74 3.63
CA THR A 259 7.34 17.93 4.36
C THR A 259 7.26 17.75 5.88
N ASP A 260 8.01 18.57 6.62
CA ASP A 260 7.86 18.75 8.08
C ASP A 260 6.40 19.09 8.39
N GLU A 261 5.69 19.75 7.48
CA GLU A 261 4.34 20.30 7.74
C GLU A 261 3.34 19.16 7.52
N GLN A 262 3.54 18.40 6.45
CA GLN A 262 2.73 17.22 6.09
C GLN A 262 2.94 16.18 7.21
N THR A 263 4.15 16.05 7.72
CA THR A 263 4.45 15.15 8.85
C THR A 263 3.66 15.61 10.08
N GLN A 264 3.72 16.88 10.42
CA GLN A 264 3.11 17.41 11.66
C GLN A 264 1.60 17.05 11.68
N VAL A 265 0.98 16.88 10.50
CA VAL A 265 -0.45 16.53 10.40
C VAL A 265 -0.66 15.12 11.00
N VAL A 266 0.25 14.20 10.72
CA VAL A 266 0.22 12.84 11.29
C VAL A 266 0.54 12.95 12.77
N LEU A 267 1.56 13.71 13.16
CA LEU A 267 1.92 13.86 14.62
C LEU A 267 0.74 14.44 15.41
N ASN A 268 0.05 15.46 14.87
CA ASN A 268 -1.10 16.11 15.55
C ASN A 268 -2.36 15.21 15.61
N CYS A 269 -2.37 14.06 14.95
CA CYS A 269 -3.40 13.00 15.11
C CYS A 269 -3.03 12.04 16.25
N ASP A 270 -1.95 12.31 16.97
CA ASP A 270 -1.53 11.51 18.14
C ASP A 270 -0.97 10.15 17.68
N ALA A 271 -0.25 10.13 16.58
CA ALA A 271 0.25 8.89 15.94
C ALA A 271 1.18 8.15 16.89
N LEU A 272 2.08 8.86 17.55
CA LEU A 272 3.17 8.27 18.36
C LEU A 272 2.58 7.48 19.53
N SER A 273 1.41 7.79 20.08
CA SER A 273 0.72 6.94 21.10
C SER A 273 0.58 5.48 20.69
N HIS A 274 0.52 5.14 19.41
CA HIS A 274 0.27 3.78 18.89
C HIS A 274 1.57 2.99 18.72
N PHE A 275 2.73 3.63 18.84
CA PHE A 275 4.03 3.01 18.42
C PHE A 275 4.54 1.97 19.42
N PRO A 276 4.46 2.12 20.78
CA PRO A 276 4.93 1.07 21.69
C PRO A 276 4.44 -0.31 21.28
N ALA A 277 3.16 -0.44 20.93
CA ALA A 277 2.56 -1.69 20.41
C ALA A 277 3.22 -2.08 19.07
N LEU A 278 3.56 -1.15 18.18
CA LEU A 278 4.16 -1.53 16.86
C LEU A 278 5.65 -1.93 17.01
N LEU A 279 6.40 -1.18 17.84
CA LEU A 279 7.84 -1.42 18.09
C LEU A 279 8.05 -2.69 18.93
N THR A 280 6.99 -3.30 19.48
CA THR A 280 7.08 -4.56 20.26
C THR A 280 6.18 -5.63 19.63
N HIS A 281 5.55 -5.32 18.50
CA HIS A 281 4.67 -6.27 17.79
C HIS A 281 5.44 -7.56 17.55
N PRO A 282 4.77 -8.72 17.64
CA PRO A 282 5.45 -9.98 17.33
C PRO A 282 5.84 -10.16 15.86
N LYS A 283 5.23 -9.46 14.90
CA LYS A 283 5.64 -9.55 13.46
C LYS A 283 6.89 -8.70 13.17
N GLU A 284 7.95 -9.28 12.63
CA GLU A 284 9.19 -8.52 12.32
C GLU A 284 8.82 -7.34 11.43
N LYS A 285 7.94 -7.53 10.45
CA LYS A 285 7.64 -6.48 9.44
C LYS A 285 6.99 -5.26 10.10
N ILE A 286 6.09 -5.46 11.06
CA ILE A 286 5.46 -4.30 11.73
C ILE A 286 6.53 -3.52 12.48
N ASN A 287 7.51 -4.20 13.09
CA ASN A 287 8.63 -3.51 13.79
C ASN A 287 9.43 -2.65 12.77
N LYS A 288 9.86 -3.26 11.68
CA LYS A 288 10.68 -2.62 10.60
C LYS A 288 9.97 -1.34 10.13
N GLU A 289 8.70 -1.42 9.74
CA GLU A 289 7.94 -0.27 9.19
C GLU A 289 7.72 0.78 10.28
N ALA A 290 7.64 0.37 11.56
CA ALA A 290 7.43 1.33 12.65
C ALA A 290 8.71 2.14 12.84
N VAL A 291 9.86 1.47 12.83
CA VAL A 291 11.19 2.14 12.93
C VAL A 291 11.47 2.89 11.63
N TRP A 292 11.04 2.38 10.48
CA TRP A 292 11.15 3.13 9.21
C TRP A 292 10.39 4.46 9.37
N PHE A 293 9.15 4.38 9.82
CA PHE A 293 8.29 5.57 10.04
C PHE A 293 9.01 6.52 10.99
N LEU A 294 9.57 6.01 12.08
CA LEU A 294 10.18 6.89 13.10
C LEU A 294 11.49 7.44 12.59
N SER A 295 12.15 6.73 11.68
CA SER A 295 13.36 7.24 11.00
C SER A 295 12.97 8.48 10.21
N ASN A 296 11.75 8.56 9.67
CA ASN A 296 11.27 9.76 8.94
C ASN A 296 10.73 10.86 9.88
N ILE A 297 10.61 10.61 11.20
CA ILE A 297 10.23 11.67 12.19
C ILE A 297 11.49 12.33 12.76
N THR A 298 12.53 11.54 13.00
CA THR A 298 13.82 12.02 13.57
C THR A 298 14.63 12.78 12.49
N ALA A 299 14.36 12.58 11.20
CA ALA A 299 14.91 13.39 10.10
C ALA A 299 14.12 14.70 10.01
N GLY A 300 13.23 14.96 10.97
CA GLY A 300 12.45 16.20 10.99
C GLY A 300 13.10 17.28 11.85
N ASN A 301 12.35 18.32 12.14
CA ASN A 301 12.85 19.44 12.96
C ASN A 301 12.95 18.99 14.42
N GLN A 302 13.34 19.91 15.31
CA GLN A 302 13.73 19.59 16.70
C GLN A 302 12.48 19.31 17.56
N GLN A 303 11.31 19.95 17.32
CA GLN A 303 10.02 19.62 18.02
C GLN A 303 9.61 18.16 17.66
N GLN A 304 9.78 17.78 16.40
CA GLN A 304 9.41 16.42 15.93
C GLN A 304 10.35 15.42 16.61
N VAL A 305 11.67 15.69 16.59
CA VAL A 305 12.67 14.85 17.31
C VAL A 305 12.25 14.73 18.79
N GLN A 306 11.84 15.84 19.41
CA GLN A 306 11.50 15.90 20.86
C GLN A 306 10.27 15.05 21.12
N ALA A 307 9.26 15.14 20.25
CA ALA A 307 8.00 14.37 20.33
C ALA A 307 8.33 12.88 20.40
N VAL A 308 9.29 12.41 19.61
CA VAL A 308 9.69 10.98 19.64
C VAL A 308 10.36 10.70 20.99
N ILE A 309 11.13 11.64 21.50
CA ILE A 309 11.74 11.52 22.87
C ILE A 309 10.61 11.43 23.89
N ASP A 310 9.67 12.39 23.85
CA ASP A 310 8.62 12.56 24.89
C ASP A 310 7.69 11.35 24.91
N ALA A 311 7.62 10.58 23.83
CA ALA A 311 6.67 9.45 23.72
C ALA A 311 7.33 8.16 24.24
N ASN A 312 8.55 8.24 24.76
CA ASN A 312 9.29 7.12 25.41
C ASN A 312 9.66 6.07 24.36
N LEU A 313 9.98 6.50 23.14
CA LEU A 313 10.14 5.57 22.00
C LEU A 313 11.63 5.28 21.75
N VAL A 314 12.55 6.17 22.17
CA VAL A 314 14.01 5.99 21.90
C VAL A 314 14.52 4.69 22.51
N PRO A 315 14.32 4.39 23.82
CA PRO A 315 14.70 3.08 24.38
C PRO A 315 14.20 1.88 23.58
N MET A 316 12.95 1.94 23.11
CA MET A 316 12.29 0.84 22.34
C MET A 316 12.92 0.70 20.94
N ILE A 317 13.36 1.82 20.32
CA ILE A 317 14.13 1.85 19.03
C ILE A 317 15.49 1.18 19.24
N ILE A 318 16.12 1.35 20.42
CA ILE A 318 17.43 0.71 20.75
C ILE A 318 17.28 -0.81 20.96
N HIS A 319 16.29 -1.27 21.75
CA HIS A 319 16.07 -2.72 21.89
C HIS A 319 16.18 -3.31 20.49
N LEU A 320 15.48 -2.72 19.52
CA LEU A 320 15.37 -3.27 18.14
C LEU A 320 16.72 -3.12 17.42
N LEU A 321 17.48 -2.06 17.73
CA LEU A 321 18.83 -1.86 17.18
C LEU A 321 19.68 -3.09 17.53
N ASP A 322 19.66 -3.46 18.81
CA ASP A 322 20.28 -4.68 19.40
C ASP A 322 19.66 -5.98 18.81
N LYS A 323 18.41 -6.31 19.14
CA LYS A 323 17.85 -7.70 19.04
C LYS A 323 16.91 -7.91 17.83
N GLY A 324 16.81 -6.94 16.90
CA GLY A 324 15.93 -7.07 15.73
C GLY A 324 16.59 -7.81 14.56
N ASP A 325 15.80 -8.37 13.66
CA ASP A 325 16.21 -8.84 12.31
C ASP A 325 17.09 -7.78 11.64
N PHE A 326 17.90 -8.18 10.65
CA PHE A 326 18.84 -7.28 9.92
C PHE A 326 18.02 -6.07 9.42
N GLY A 327 16.85 -6.35 8.85
CA GLY A 327 15.90 -5.34 8.30
C GLY A 327 15.53 -4.27 9.32
N THR A 328 15.09 -4.68 10.52
CA THR A 328 14.68 -3.74 11.59
C THR A 328 15.91 -2.97 12.06
N GLN A 329 17.05 -3.64 12.25
CA GLN A 329 18.33 -3.00 12.70
C GLN A 329 18.73 -1.88 11.75
N LYS A 330 18.65 -2.17 10.42
CA LYS A 330 19.04 -1.20 9.37
C LYS A 330 18.21 0.04 9.65
N GLU A 331 16.89 -0.13 9.76
CA GLU A 331 15.93 1.00 9.94
C GLU A 331 16.24 1.72 11.25
N ALA A 332 16.55 0.98 12.32
CA ALA A 332 16.86 1.58 13.64
C ALA A 332 18.19 2.35 13.57
N ALA A 333 19.19 1.85 12.82
CA ALA A 333 20.45 2.57 12.57
C ALA A 333 20.09 3.98 12.09
N TRP A 334 19.35 4.04 11.00
CA TRP A 334 18.88 5.31 10.39
C TRP A 334 18.19 6.19 11.45
N ALA A 335 17.29 5.63 12.26
CA ALA A 335 16.46 6.46 13.16
C ALA A 335 17.38 7.11 14.20
N ILE A 336 18.29 6.31 14.78
CA ILE A 336 19.38 6.77 15.68
C ILE A 336 20.33 7.74 14.94
N SER A 337 20.72 7.44 13.71
CA SER A 337 21.65 8.31 12.94
C SER A 337 20.96 9.63 12.60
N ASN A 338 19.85 9.59 11.87
CA ASN A 338 19.00 10.76 11.51
C ASN A 338 18.84 11.70 12.71
N LEU A 339 18.82 11.19 13.94
CA LEU A 339 18.62 12.03 15.16
C LEU A 339 19.87 12.87 15.43
N THR A 340 21.07 12.27 15.32
CA THR A 340 22.38 12.90 15.62
C THR A 340 22.58 14.11 14.69
N ILE A 341 21.99 14.07 13.50
CA ILE A 341 21.98 15.19 12.52
C ILE A 341 21.00 16.29 12.97
N SER A 342 19.70 15.99 13.06
CA SER A 342 18.58 16.96 13.21
C SER A 342 18.55 17.63 14.61
N GLY A 343 19.04 16.92 15.63
CA GLY A 343 18.78 17.23 17.04
C GLY A 343 19.78 18.20 17.62
N ARG A 344 19.52 18.69 18.84
CA ARG A 344 20.43 19.51 19.68
C ARG A 344 21.34 18.55 20.46
N LYS A 345 22.35 19.10 21.17
CA LYS A 345 23.36 18.32 21.96
C LYS A 345 22.73 17.79 23.26
N ASP A 346 21.61 18.37 23.73
CA ASP A 346 20.87 17.80 24.90
C ASP A 346 20.13 16.54 24.42
N GLN A 347 19.54 16.60 23.22
CA GLN A 347 18.72 15.51 22.61
C GLN A 347 19.62 14.28 22.42
N VAL A 348 20.82 14.43 21.82
CA VAL A 348 21.81 13.31 21.68
C VAL A 348 22.34 12.87 23.05
N ALA A 349 22.49 13.79 24.02
CA ALA A 349 22.91 13.48 25.40
C ALA A 349 21.98 12.39 25.97
N TYR A 350 20.68 12.61 25.84
CA TYR A 350 19.60 11.65 26.21
C TYR A 350 19.97 10.27 25.65
N LEU A 351 20.47 10.22 24.41
CA LEU A 351 20.76 8.97 23.68
C LEU A 351 21.77 8.13 24.47
N ILE A 352 22.97 8.68 24.70
CA ILE A 352 24.13 7.88 25.22
C ILE A 352 23.75 7.38 26.61
N GLN A 353 22.92 8.14 27.33
CA GLN A 353 22.31 7.74 28.63
C GLN A 353 21.43 6.50 28.47
N GLN A 354 21.16 6.05 27.24
CA GLN A 354 20.18 4.98 26.96
C GLN A 354 20.89 3.81 26.26
N ASN A 355 22.22 3.76 26.35
CA ASN A 355 23.07 2.57 26.00
C ASN A 355 22.97 2.25 24.51
N VAL A 356 23.23 3.28 23.70
CA VAL A 356 23.12 3.26 22.21
C VAL A 356 24.40 2.66 21.66
N ILE A 357 25.54 3.10 22.21
CA ILE A 357 26.90 2.90 21.60
C ILE A 357 27.17 1.41 21.44
N PRO A 358 26.84 0.58 22.46
CA PRO A 358 27.02 -0.86 22.32
C PRO A 358 26.30 -1.43 21.10
N PRO A 359 24.95 -1.39 21.06
CA PRO A 359 24.19 -1.93 19.91
C PRO A 359 24.36 -1.07 18.66
N PHE A 360 24.95 0.12 18.81
CA PHE A 360 25.18 1.04 17.66
C PHE A 360 26.54 0.74 17.02
N CYS A 361 27.44 0.12 17.80
CA CYS A 361 28.79 -0.22 17.29
C CYS A 361 28.81 -1.68 16.80
N ASN A 362 27.97 -2.52 17.41
CA ASN A 362 27.89 -3.96 17.02
C ASN A 362 27.41 -4.11 15.57
N LEU A 363 27.13 -3.03 14.82
CA LEU A 363 26.63 -3.16 13.42
C LEU A 363 27.74 -2.79 12.43
N LEU A 364 28.89 -2.33 12.94
CA LEU A 364 30.07 -1.94 12.12
C LEU A 364 30.60 -3.13 11.28
N THR A 365 30.26 -4.38 11.62
CA THR A 365 30.87 -5.58 10.98
C THR A 365 29.92 -6.23 9.96
N VAL A 366 28.95 -5.52 9.38
CA VAL A 366 27.96 -6.14 8.45
C VAL A 366 28.42 -5.91 7.01
N LYS A 367 28.04 -6.82 6.12
CA LYS A 367 28.44 -6.81 4.70
C LYS A 367 27.78 -5.63 3.99
N ASP A 368 26.81 -4.95 4.64
CA ASP A 368 26.04 -3.86 3.98
C ASP A 368 26.76 -2.53 4.18
N ALA A 369 27.34 -2.03 3.08
CA ALA A 369 28.09 -0.76 3.01
C ALA A 369 27.28 0.39 3.64
N GLN A 370 26.04 0.63 3.15
CA GLN A 370 25.13 1.72 3.62
C GLN A 370 24.94 1.69 5.14
N VAL A 371 24.74 0.52 5.73
CA VAL A 371 24.51 0.41 7.20
C VAL A 371 25.77 0.84 7.95
N VAL A 372 26.94 0.30 7.57
CA VAL A 372 28.20 0.61 8.33
C VAL A 372 28.47 2.13 8.18
N GLN A 373 28.33 2.65 6.94
CA GLN A 373 28.42 4.09 6.54
C GLN A 373 27.58 4.98 7.48
N VAL A 374 26.30 4.64 7.72
CA VAL A 374 25.36 5.51 8.49
C VAL A 374 25.59 5.29 9.99
N VAL A 375 26.03 4.09 10.38
CA VAL A 375 26.45 3.84 11.79
C VAL A 375 27.62 4.80 12.11
N LEU A 376 28.64 4.80 11.25
CA LEU A 376 29.87 5.61 11.49
C LEU A 376 29.48 7.08 11.65
N ASP A 377 28.92 7.68 10.58
CA ASP A 377 28.47 9.09 10.56
C ASP A 377 27.87 9.42 11.93
N GLY A 378 26.92 8.62 12.41
CA GLY A 378 26.27 8.77 13.72
C GLY A 378 27.26 8.92 14.87
N LEU A 379 28.32 8.10 14.89
CA LEU A 379 29.41 8.18 15.92
C LEU A 379 30.28 9.42 15.63
N SER A 380 30.69 9.63 14.37
CA SER A 380 31.36 10.86 13.88
C SER A 380 30.60 12.12 14.35
N ASN A 381 29.27 12.17 14.11
CA ASN A 381 28.38 13.33 14.38
C ASN A 381 28.13 13.47 15.89
N ILE A 382 28.13 12.36 16.65
CA ILE A 382 27.71 12.37 18.09
C ILE A 382 28.85 12.92 18.96
N LEU A 383 30.10 12.56 18.62
CA LEU A 383 31.35 12.95 19.35
C LEU A 383 31.54 14.47 19.21
N LYS A 384 31.53 14.97 17.97
CA LYS A 384 31.65 16.43 17.65
C LYS A 384 30.66 17.27 18.48
N MET A 385 29.40 16.84 18.59
CA MET A 385 28.30 17.62 19.24
C MET A 385 28.26 17.35 20.76
N ALA A 386 28.91 16.27 21.21
CA ALA A 386 29.26 16.02 22.63
C ALA A 386 30.69 16.55 22.88
N GLU A 387 30.81 17.83 23.24
CA GLU A 387 32.07 18.63 23.17
C GLU A 387 33.01 18.25 24.33
N ASP A 388 32.71 18.68 25.56
CA ASP A 388 33.48 18.35 26.79
C ASP A 388 33.52 16.82 26.93
N GLU A 389 32.36 16.20 27.10
CA GLU A 389 32.18 14.73 27.26
C GLU A 389 32.33 14.05 25.89
N ALA A 390 33.55 14.05 25.35
CA ALA A 390 33.99 13.34 24.12
C ALA A 390 34.75 12.07 24.54
N GLU A 391 35.77 12.25 25.39
CA GLU A 391 36.48 11.16 26.10
C GLU A 391 35.45 10.22 26.72
N THR A 392 34.64 10.73 27.69
CA THR A 392 33.61 9.98 28.48
C THR A 392 32.91 8.93 27.59
N ILE A 393 32.70 9.23 26.30
CA ILE A 393 32.00 8.35 25.30
C ILE A 393 32.91 7.18 24.93
N GLY A 394 34.18 7.48 24.64
CA GLY A 394 35.26 6.51 24.29
C GLY A 394 35.35 5.33 25.25
N ASN A 395 35.23 5.56 26.58
CA ASN A 395 35.35 4.52 27.64
C ASN A 395 34.13 3.57 27.59
N LEU A 396 33.00 4.02 27.01
CA LEU A 396 31.77 3.21 26.72
C LEU A 396 31.92 2.45 25.38
N ILE A 397 32.83 2.93 24.50
CA ILE A 397 33.22 2.27 23.22
C ILE A 397 34.30 1.21 23.47
N GLU A 398 35.17 1.41 24.47
CA GLU A 398 36.12 0.37 24.93
C GLU A 398 35.31 -0.86 25.39
N GLU A 399 34.53 -0.72 26.47
CA GLU A 399 33.71 -1.79 27.13
C GLU A 399 32.93 -2.60 26.09
N CYS A 400 32.30 -1.89 25.13
CA CYS A 400 31.68 -2.44 23.89
C CYS A 400 32.70 -3.33 23.18
N GLY A 401 33.89 -2.79 22.87
CA GLY A 401 34.89 -3.46 22.01
C GLY A 401 34.52 -3.30 20.55
N GLY A 402 34.06 -2.10 20.18
CA GLY A 402 33.80 -1.71 18.78
C GLY A 402 34.94 -0.88 18.22
N LEU A 403 35.91 -0.49 19.07
CA LEU A 403 37.18 0.16 18.65
C LEU A 403 37.85 -0.64 17.53
N GLU A 404 37.90 -1.98 17.67
CA GLU A 404 38.67 -2.94 16.82
C GLU A 404 37.93 -3.25 15.51
N LYS A 405 36.61 -2.98 15.48
CA LYS A 405 35.72 -3.11 14.28
C LYS A 405 35.85 -1.85 13.41
N ILE A 406 36.23 -0.70 14.01
CA ILE A 406 36.49 0.60 13.34
C ILE A 406 37.76 0.50 12.47
N GLU A 407 38.74 -0.31 12.89
CA GLU A 407 40.02 -0.57 12.17
C GLU A 407 39.76 -1.10 10.77
N GLN A 408 39.06 -2.25 10.72
CA GLN A 408 38.61 -2.96 9.49
C GLN A 408 38.07 -1.92 8.51
N LEU A 409 37.05 -1.17 8.92
CA LEU A 409 36.44 -0.12 8.07
C LEU A 409 37.58 0.50 7.26
N GLN A 410 38.67 0.91 7.92
CA GLN A 410 39.85 1.57 7.29
C GLN A 410 40.40 0.71 6.13
N ASN A 411 40.15 -0.60 6.16
CA ASN A 411 40.55 -1.51 5.05
C ASN A 411 39.40 -1.70 4.03
N HIS A 412 38.22 -1.05 4.16
CA HIS A 412 37.04 -1.26 3.27
C HIS A 412 37.35 -0.70 1.86
N GLU A 413 36.87 -1.38 0.81
CA GLU A 413 36.93 -0.94 -0.60
C GLU A 413 36.43 0.50 -0.73
N ASN A 414 35.21 0.75 -0.21
CA ASN A 414 34.48 2.05 -0.23
C ASN A 414 35.31 3.13 0.49
N GLU A 415 35.63 4.20 -0.26
CA GLU A 415 36.46 5.35 0.19
C GLU A 415 35.86 6.04 1.41
N ASP A 416 34.54 6.35 1.31
CA ASP A 416 33.78 7.19 2.27
C ASP A 416 33.89 6.56 3.67
N ILE A 417 33.89 5.22 3.74
CA ILE A 417 33.92 4.47 5.03
C ILE A 417 35.33 4.56 5.64
N TYR A 418 36.40 4.27 4.87
CA TYR A 418 37.77 4.20 5.47
C TYR A 418 38.19 5.59 5.98
N LYS A 419 38.02 6.63 5.15
CA LYS A 419 38.31 8.04 5.52
C LYS A 419 37.77 8.27 6.94
N LEU A 420 36.45 8.11 7.11
CA LEU A 420 35.72 8.27 8.39
C LEU A 420 36.44 7.54 9.53
N ALA A 421 36.90 6.31 9.29
CA ALA A 421 37.62 5.48 10.29
C ALA A 421 38.85 6.26 10.79
N TYR A 422 39.75 6.65 9.87
CA TYR A 422 40.96 7.50 10.11
C TYR A 422 40.55 8.87 10.70
N GLU A 423 39.62 9.56 10.03
CA GLU A 423 39.09 10.91 10.43
C GLU A 423 38.65 10.92 11.90
N ILE A 424 38.25 9.75 12.45
CA ILE A 424 37.80 9.54 13.86
C ILE A 424 39.00 9.15 14.73
N ILE A 425 39.93 8.37 14.17
CA ILE A 425 41.19 7.91 14.84
C ILE A 425 41.90 9.12 15.45
N ASP A 426 42.14 10.14 14.62
CA ASP A 426 42.82 11.42 14.99
C ASP A 426 42.19 12.00 16.26
N GLN A 427 40.89 12.29 16.23
CA GLN A 427 40.08 12.72 17.40
C GLN A 427 39.30 11.51 17.93
N ARG B 10 -5.74 -8.01 -8.22
CA ARG B 10 -5.96 -6.98 -9.30
C ARG B 10 -6.96 -7.49 -10.33
N LYS B 11 -7.00 -8.81 -10.60
CA LYS B 11 -8.07 -9.47 -11.37
C LYS B 11 -8.63 -10.62 -10.53
N ARG B 12 -9.94 -10.83 -10.54
CA ARG B 12 -10.61 -11.94 -9.83
C ARG B 12 -11.65 -12.54 -10.75
N ALA B 13 -11.50 -13.82 -11.09
CA ALA B 13 -12.55 -14.69 -11.68
C ALA B 13 -13.66 -14.86 -10.64
N LYS B 14 -14.93 -15.01 -11.04
CA LYS B 14 -16.02 -15.39 -10.11
C LYS B 14 -16.40 -16.84 -10.33
N VAL B 15 -16.42 -17.67 -9.27
CA VAL B 15 -16.28 -19.16 -9.35
C VAL B 15 -17.36 -19.90 -8.54
#